data_4PAF
#
_entry.id   4PAF
#
_cell.length_a   62.589
_cell.length_b   62.983
_cell.length_c   75.706
_cell.angle_alpha   90.000
_cell.angle_beta   90.000
_cell.angle_gamma   90.000
#
_symmetry.space_group_name_H-M   'P 21 21 21'
#
loop_
_entity.id
_entity.type
_entity.pdbx_description
1 polymer 'TRAP dicarboxylate transporter, DctP subunit, putative'
2 non-polymer '3,4-DIHYDROXYBENZOIC ACID'
3 non-polymer 'MALONATE ION'
4 water water
#
_entity_poly.entity_id   1
_entity_poly.type   'polypeptide(L)'
_entity_poly.pdbx_seq_one_letter_code
;(MSE)TISFKGLARGVACAALVLAALPAAAKEFRLGLITPSPHTWTKAAEAFGAELSEKSGGAHSVSVFPARQLGNEAQ
(MSE)LQQLQTGALD(MSE)AF(MSE)TVAEVSNRVPN(MSE)GAFYAPYLAGDINHAAAILRSDTARG(MSE)LAVLPQ
EAGVVGVGFGSAG(MSE)RQILSRGAVNSAADLSGLKLRITPFDPILDFYNALGAAPTP(MSE)PLPAVYDALANGQVDA
ID(MSE)DVELINVLKCHEHADTILISNH(MSE)(MSE)FP(MSE)VGLISARVYAG(MSE)SDADKA(MSE)ISEL
(MSE)AKHVDSTLDVY(MSE)VKEPEWTDALTKVGKTFKRVDQSFFGDAIAQWETIWADKAPSLPELRKTAADLQAENLY
FQ
;
_entity_poly.pdbx_strand_id   A
#
loop_
_chem_comp.id
_chem_comp.type
_chem_comp.name
_chem_comp.formula
DHB non-polymer '3,4-DIHYDROXYBENZOIC ACID' 'C7 H6 O4'
MLI non-polymer 'MALONATE ION' 'C3 H2 O4 -2'
#
# COMPACT_ATOMS: atom_id res chain seq x y z
N LYS A 27 -27.00 -10.89 -4.80
CA LYS A 27 -26.54 -10.22 -3.59
C LYS A 27 -25.92 -8.87 -3.94
N GLU A 28 -26.26 -7.85 -3.14
CA GLU A 28 -25.63 -6.55 -3.27
C GLU A 28 -24.48 -6.48 -2.28
N PHE A 29 -23.27 -6.68 -2.77
CA PHE A 29 -22.11 -6.64 -1.91
C PHE A 29 -21.68 -5.19 -1.71
N ARG A 30 -21.06 -4.93 -0.57
CA ARG A 30 -20.43 -3.65 -0.30
C ARG A 30 -18.92 -3.81 -0.29
N LEU A 31 -18.21 -2.87 -0.88
CA LEU A 31 -16.76 -2.90 -0.93
C LEU A 31 -16.22 -1.56 -0.44
N GLY A 32 -15.38 -1.60 0.59
CA GLY A 32 -14.84 -0.39 1.18
C GLY A 32 -13.40 -0.13 0.78
N LEU A 33 -13.04 1.15 0.68
CA LEU A 33 -11.65 1.55 0.57
C LEU A 33 -11.42 2.84 1.35
N ILE A 34 -10.17 3.17 1.63
CA ILE A 34 -9.83 4.47 2.25
C ILE A 34 -9.37 5.51 1.24
N THR A 35 -9.21 5.11 -0.01
CA THR A 35 -8.67 6.00 -1.02
C THR A 35 -9.71 6.94 -1.60
N PRO A 36 -9.28 8.15 -1.99
CA PRO A 36 -10.21 9.10 -2.58
C PRO A 36 -10.70 8.66 -3.94
N SER A 37 -11.70 9.33 -4.45
CA SER A 37 -12.35 8.93 -5.69
C SER A 37 -11.45 8.89 -6.93
N PRO A 38 -10.47 9.80 -7.04
CA PRO A 38 -9.63 9.77 -8.25
C PRO A 38 -8.55 8.69 -8.21
N HIS A 39 -8.42 8.02 -7.07
CA HIS A 39 -7.32 7.11 -6.85
C HIS A 39 -7.47 5.87 -7.72
N THR A 40 -6.33 5.33 -8.17
CA THR A 40 -6.31 4.13 -8.96
C THR A 40 -7.13 2.99 -8.33
N TRP A 41 -6.96 2.76 -7.03
CA TRP A 41 -7.71 1.69 -6.37
C TRP A 41 -9.21 1.84 -6.47
N THR A 42 -9.69 3.08 -6.34
CA THR A 42 -11.11 3.33 -6.36
C THR A 42 -11.65 3.04 -7.75
N LYS A 43 -10.90 3.47 -8.76
CA LYS A 43 -11.29 3.19 -10.13
C LYS A 43 -11.34 1.70 -10.42
N ALA A 44 -10.36 0.96 -9.90
CA ALA A 44 -10.30 -0.48 -10.08
C ALA A 44 -11.48 -1.16 -9.40
N ALA A 45 -11.85 -0.68 -8.21
CA ALA A 45 -13.01 -1.25 -7.50
C ALA A 45 -14.30 -1.00 -8.26
N GLU A 46 -14.44 0.20 -8.81
CA GLU A 46 -15.62 0.51 -9.62
C GLU A 46 -15.65 -0.40 -10.85
N ALA A 47 -14.49 -0.59 -11.49
CA ALA A 47 -14.45 -1.46 -12.68
C ALA A 47 -14.80 -2.91 -12.31
N PHE A 48 -14.31 -3.38 -11.18
CA PHE A 48 -14.63 -4.72 -10.67
C PHE A 48 -16.15 -4.81 -10.49
N GLY A 49 -16.72 -3.80 -9.86
CA GLY A 49 -18.17 -3.80 -9.60
C GLY A 49 -18.96 -3.87 -10.87
N ALA A 50 -18.56 -3.09 -11.87
CA ALA A 50 -19.26 -3.13 -13.15
C ALA A 50 -19.19 -4.50 -13.80
N GLU A 51 -18.01 -5.10 -13.79
CA GLU A 51 -17.81 -6.38 -14.46
C GLU A 51 -18.53 -7.48 -13.70
N LEU A 52 -18.62 -7.38 -12.38
CA LEU A 52 -19.34 -8.42 -11.64
C LEU A 52 -20.85 -8.40 -11.94
N SER A 53 -21.39 -7.20 -12.03
CA SER A 53 -22.77 -7.05 -12.44
C SER A 53 -23.03 -7.71 -13.80
N GLU A 54 -22.12 -7.48 -14.74
CA GLU A 54 -22.30 -7.99 -16.10
C GLU A 54 -22.11 -9.49 -16.13
N LYS A 55 -21.02 -9.95 -15.54
CA LYS A 55 -20.73 -11.38 -15.58
C LYS A 55 -21.76 -12.21 -14.86
N SER A 56 -22.40 -11.65 -13.84
CA SER A 56 -23.43 -12.37 -13.12
C SER A 56 -24.83 -12.19 -13.70
N GLY A 57 -24.94 -11.51 -14.85
CA GLY A 57 -26.26 -11.30 -15.45
C GLY A 57 -27.19 -10.51 -14.55
N GLY A 58 -26.61 -9.65 -13.71
CA GLY A 58 -27.37 -8.84 -12.77
C GLY A 58 -27.75 -9.51 -11.46
N ALA A 59 -27.31 -10.75 -11.25
CA ALA A 59 -27.62 -11.47 -10.01
C ALA A 59 -26.91 -10.87 -8.81
N HIS A 60 -25.73 -10.30 -9.06
CA HIS A 60 -24.93 -9.64 -8.02
C HIS A 60 -24.57 -8.23 -8.44
N SER A 61 -24.35 -7.38 -7.44
CA SER A 61 -23.82 -6.05 -7.69
C SER A 61 -22.86 -5.72 -6.57
N VAL A 62 -22.07 -4.68 -6.78
CA VAL A 62 -21.14 -4.17 -5.78
C VAL A 62 -21.39 -2.69 -5.61
N SER A 63 -21.54 -2.25 -4.36
N SER A 63 -21.56 -2.25 -4.37
CA SER A 63 -21.63 -0.84 -4.06
CA SER A 63 -21.61 -0.85 -4.08
C SER A 63 -20.32 -0.40 -3.41
C SER A 63 -20.28 -0.47 -3.48
N VAL A 64 -19.60 0.50 -4.08
CA VAL A 64 -18.26 0.87 -3.67
C VAL A 64 -18.33 2.08 -2.77
N PHE A 65 -17.61 2.01 -1.65
CA PHE A 65 -17.60 3.07 -0.65
C PHE A 65 -16.15 3.48 -0.44
N PRO A 66 -15.70 4.46 -1.21
CA PRO A 66 -14.32 4.91 -1.08
C PRO A 66 -14.18 5.93 0.05
N ALA A 67 -12.97 6.47 0.17
CA ALA A 67 -12.73 7.65 1.00
C ALA A 67 -13.12 7.48 2.48
N ARG A 68 -12.97 6.27 3.00
CA ARG A 68 -13.18 5.97 4.42
C ARG A 68 -14.64 6.10 4.83
N GLN A 69 -15.55 6.14 3.86
CA GLN A 69 -16.97 6.30 4.17
C GLN A 69 -17.47 5.30 5.22
N LEU A 70 -16.93 4.09 5.20
CA LEU A 70 -17.41 3.04 6.10
C LEU A 70 -16.59 2.91 7.36
N GLY A 71 -15.61 3.79 7.53
CA GLY A 71 -14.77 3.77 8.72
C GLY A 71 -13.32 3.74 8.32
N ASN A 72 -12.43 3.69 9.30
CA ASN A 72 -11.02 3.55 8.96
C ASN A 72 -10.70 2.11 8.60
N GLU A 73 -9.48 1.88 8.14
CA GLU A 73 -9.13 0.58 7.64
C GLU A 73 -9.21 -0.50 8.73
N ALA A 74 -8.79 -0.15 9.94
CA ALA A 74 -8.88 -1.11 11.03
C ALA A 74 -10.32 -1.51 11.28
N GLN A 75 -11.21 -0.54 11.27
CA GLN A 75 -12.64 -0.82 11.45
C GLN A 75 -13.18 -1.68 10.31
N MSE A 76 -12.76 -1.37 9.09
CA MSE A 76 -13.20 -2.15 7.96
C MSE A 76 -12.74 -3.59 8.11
O MSE A 76 -13.47 -4.52 7.81
CB MSE A 76 -12.76 -1.51 6.65
CG MSE A 76 -13.69 -0.36 6.32
SE MSE A 76 -13.32 0.26 4.51
CE MSE A 76 -12.02 1.16 5.05
H MSE A 76 -12.22 -0.72 8.90
HA MSE A 76 -14.18 -2.14 7.97
HB2 MSE A 76 -11.86 -1.17 6.74
HB3 MSE A 76 -12.82 -2.17 5.94
HG2 MSE A 76 -14.62 -0.66 6.36
HG3 MSE A 76 -13.54 0.37 6.93
HE1 MSE A 76 -11.61 1.61 4.30
HE2 MSE A 76 -12.33 1.81 5.69
HE3 MSE A 76 -11.38 0.57 5.47
N LEU A 77 -11.51 -3.80 8.54
CA LEU A 77 -11.04 -5.17 8.71
C LEU A 77 -11.87 -5.90 9.77
N GLN A 78 -12.22 -5.22 10.85
CA GLN A 78 -13.03 -5.83 11.89
C GLN A 78 -14.35 -6.30 11.31
N GLN A 79 -14.91 -5.49 10.44
CA GLN A 79 -16.19 -5.84 9.88
C GLN A 79 -16.10 -6.80 8.72
N LEU A 80 -14.98 -6.86 8.04
CA LEU A 80 -14.78 -8.01 7.14
C LEU A 80 -14.74 -9.27 7.98
N GLN A 81 -14.13 -9.19 9.15
CA GLN A 81 -13.99 -10.40 9.94
C GLN A 81 -15.36 -10.92 10.38
N THR A 82 -16.26 -10.02 10.75
CA THR A 82 -17.58 -10.49 11.17
C THR A 82 -18.46 -10.80 9.98
N GLY A 83 -18.18 -10.14 8.85
CA GLY A 83 -19.01 -10.29 7.68
C GLY A 83 -20.02 -9.17 7.51
N ALA A 84 -20.00 -8.19 8.42
CA ALA A 84 -20.82 -6.99 8.26
C ALA A 84 -20.42 -6.22 6.99
N LEU A 85 -19.15 -6.32 6.61
CA LEU A 85 -18.64 -5.74 5.36
C LEU A 85 -18.21 -6.90 4.45
N ASP A 86 -18.62 -6.89 3.20
CA ASP A 86 -18.33 -8.04 2.34
C ASP A 86 -16.93 -8.06 1.76
N MSE A 87 -16.45 -6.89 1.30
CA MSE A 87 -15.22 -6.83 0.51
C MSE A 87 -14.47 -5.53 0.79
O MSE A 87 -15.05 -4.54 1.25
CB MSE A 87 -15.59 -6.87 -0.97
CG MSE A 87 -16.34 -8.11 -1.39
SE MSE A 87 -17.03 -7.81 -3.20
CE MSE A 87 -17.80 -9.58 -3.55
H MSE A 87 -16.82 -6.12 1.44
HA MSE A 87 -14.65 -7.59 0.72
HB2 MSE A 87 -16.15 -6.11 -1.17
HB3 MSE A 87 -14.78 -6.83 -1.49
HG2 MSE A 87 -15.75 -8.88 -1.40
HG3 MSE A 87 -17.09 -8.27 -0.78
HE1 MSE A 87 -18.19 -9.59 -4.42
HE2 MSE A 87 -17.10 -10.25 -3.49
HE3 MSE A 87 -18.47 -9.78 -2.89
N ALA A 88 -13.17 -5.52 0.49
CA ALA A 88 -12.40 -4.29 0.53
C ALA A 88 -11.20 -4.41 -0.39
N PHE A 89 -10.75 -3.27 -0.92
CA PHE A 89 -9.41 -3.16 -1.47
C PHE A 89 -8.62 -2.44 -0.38
N MSE A 90 -7.80 -3.20 0.34
CA MSE A 90 -7.19 -2.74 1.58
C MSE A 90 -5.68 -2.68 1.47
O MSE A 90 -5.04 -3.49 0.78
CB MSE A 90 -7.54 -3.70 2.74
CG MSE A 90 -7.16 -3.14 4.09
SE MSE A 90 -7.90 -4.15 5.53
CE MSE A 90 -9.72 -3.45 5.39
H MSE A 90 -7.58 -4.01 0.12
HA MSE A 90 -7.53 -1.86 1.80
HB2 MSE A 90 -8.50 -3.85 2.74
HB3 MSE A 90 -7.07 -4.53 2.61
HG2 MSE A 90 -6.20 -3.15 4.18
HG3 MSE A 90 -7.49 -2.23 4.16
HE1 MSE A 90 -10.27 -3.86 6.06
HE2 MSE A 90 -9.69 -2.49 5.52
HE3 MSE A 90 -10.06 -3.65 4.52
N THR A 91 -5.11 -1.70 2.15
CA THR A 91 -3.67 -1.71 2.30
C THR A 91 -3.22 -3.01 2.99
N VAL A 92 -2.12 -3.58 2.50
CA VAL A 92 -1.51 -4.65 3.25
C VAL A 92 -0.94 -4.08 4.56
N ALA A 93 -0.73 -2.77 4.60
CA ALA A 93 -0.30 -2.11 5.83
C ALA A 93 -1.24 -2.39 6.99
N GLU A 94 -2.53 -2.18 6.78
CA GLU A 94 -3.49 -2.45 7.85
C GLU A 94 -3.49 -3.94 8.17
N VAL A 95 -3.48 -4.79 7.15
CA VAL A 95 -3.51 -6.21 7.40
C VAL A 95 -2.31 -6.60 8.30
N SER A 96 -1.16 -5.96 8.11
CA SER A 96 0.02 -6.31 8.89
C SER A 96 -0.16 -6.03 10.38
N ASN A 97 -1.08 -5.13 10.74
CA ASN A 97 -1.36 -4.88 12.14
C ASN A 97 -2.00 -6.13 12.79
N ARG A 98 -2.72 -6.87 11.97
CA ARG A 98 -3.36 -8.12 12.38
C ARG A 98 -2.47 -9.34 12.14
N VAL A 99 -1.71 -9.31 11.06
CA VAL A 99 -0.91 -10.43 10.59
C VAL A 99 0.51 -9.94 10.34
N PRO A 100 1.35 -10.00 11.38
CA PRO A 100 2.67 -9.34 11.30
C PRO A 100 3.59 -9.88 10.23
N ASN A 101 3.37 -11.10 9.75
CA ASN A 101 4.20 -11.61 8.67
C ASN A 101 4.09 -10.78 7.39
N MSE A 102 2.97 -10.06 7.22
CA MSE A 102 2.81 -9.20 6.07
C MSE A 102 3.83 -8.06 6.14
O MSE A 102 4.07 -7.41 5.13
CB MSE A 102 1.40 -8.61 6.02
CG MSE A 102 0.28 -9.61 5.87
SE MSE A 102 0.28 -10.52 4.16
CE MSE A 102 0.91 -12.21 4.82
H MSE A 102 2.29 -10.07 7.76
HA MSE A 102 2.95 -9.72 5.25
HB2 MSE A 102 1.24 -8.12 6.84
HB3 MSE A 102 1.35 -8.00 5.27
HG2 MSE A 102 0.37 -10.28 6.57
HG3 MSE A 102 -0.57 -9.15 5.96
HE1 MSE A 102 0.97 -12.82 4.09
HE2 MSE A 102 1.76 -12.08 5.23
HE3 MSE A 102 0.28 -12.54 5.47
N GLY A 103 4.42 -7.84 7.31
CA GLY A 103 5.49 -6.86 7.48
C GLY A 103 6.67 -7.13 6.56
N ALA A 104 6.84 -8.37 6.13
CA ALA A 104 7.97 -8.74 5.28
C ALA A 104 8.02 -7.92 4.00
N PHE A 105 6.87 -7.55 3.45
CA PHE A 105 6.86 -6.80 2.20
C PHE A 105 7.46 -5.40 2.30
N TYR A 106 7.62 -4.92 3.53
CA TYR A 106 8.05 -3.55 3.76
C TYR A 106 9.52 -3.42 4.08
N ALA A 107 10.27 -4.49 3.90
CA ALA A 107 11.72 -4.38 4.10
C ALA A 107 12.21 -3.25 3.19
N PRO A 108 12.93 -2.28 3.75
CA PRO A 108 13.41 -1.18 2.90
C PRO A 108 14.25 -1.67 1.73
N TYR A 109 13.93 -1.16 0.54
CA TYR A 109 14.69 -1.47 -0.67
C TYR A 109 14.66 -2.93 -1.07
N LEU A 110 13.66 -3.66 -0.60
CA LEU A 110 13.40 -5.00 -1.09
C LEU A 110 13.22 -4.96 -2.60
N ALA A 111 12.47 -3.96 -3.07
CA ALA A 111 12.25 -3.76 -4.50
C ALA A 111 13.02 -2.55 -4.95
N GLY A 112 13.60 -2.63 -6.14
CA GLY A 112 14.45 -1.58 -6.63
C GLY A 112 13.62 -0.49 -7.31
N ASP A 113 12.40 -0.84 -7.69
CA ASP A 113 11.48 0.06 -8.37
C ASP A 113 10.15 -0.64 -8.50
N ILE A 114 9.17 0.07 -9.03
CA ILE A 114 7.82 -0.42 -9.04
C ILE A 114 7.66 -1.69 -9.93
N ASN A 115 8.45 -1.81 -10.99
CA ASN A 115 8.35 -3.01 -11.81
C ASN A 115 8.86 -4.23 -11.06
N HIS A 116 9.94 -4.05 -10.31
CA HIS A 116 10.44 -5.13 -9.47
C HIS A 116 9.38 -5.49 -8.40
N ALA A 117 8.78 -4.47 -7.80
CA ALA A 117 7.76 -4.71 -6.77
C ALA A 117 6.60 -5.53 -7.31
N ALA A 118 6.11 -5.18 -8.49
CA ALA A 118 5.01 -5.92 -9.11
C ALA A 118 5.38 -7.37 -9.32
N ALA A 119 6.61 -7.62 -9.78
CA ALA A 119 7.05 -8.99 -9.97
C ALA A 119 7.12 -9.74 -8.64
N ILE A 120 7.54 -9.07 -7.57
CA ILE A 120 7.58 -9.72 -6.26
C ILE A 120 6.15 -10.08 -5.83
N LEU A 121 5.23 -9.17 -6.06
CA LEU A 121 3.88 -9.34 -5.54
C LEU A 121 3.12 -10.42 -6.30
N ARG A 122 3.59 -10.73 -7.51
CA ARG A 122 2.98 -11.78 -8.33
C ARG A 122 3.65 -13.14 -8.14
N SER A 123 4.72 -13.18 -7.35
CA SER A 123 5.50 -14.39 -7.16
C SER A 123 4.76 -15.44 -6.33
N ASP A 124 5.15 -16.70 -6.50
CA ASP A 124 4.58 -17.76 -5.68
C ASP A 124 4.83 -17.52 -4.20
N THR A 125 5.99 -16.96 -3.85
CA THR A 125 6.31 -16.72 -2.46
C THR A 125 5.31 -15.77 -1.88
N ALA A 126 5.01 -14.69 -2.59
CA ALA A 126 4.10 -13.70 -2.06
C ALA A 126 2.69 -14.27 -1.96
N ARG A 127 2.24 -14.93 -3.03
CA ARG A 127 0.90 -15.49 -3.06
C ARG A 127 0.69 -16.55 -1.98
N GLY A 128 1.74 -17.29 -1.68
CA GLY A 128 1.65 -18.30 -0.64
C GLY A 128 1.37 -17.68 0.71
N MSE A 129 1.75 -16.43 0.92
CA MSE A 129 1.55 -15.77 2.21
C MSE A 129 0.08 -15.45 2.44
O MSE A 129 -0.32 -15.21 3.57
CB MSE A 129 2.40 -14.48 2.28
CG MSE A 129 3.88 -14.78 2.31
SE MSE A 129 5.05 -13.29 1.92
CE MSE A 129 4.54 -12.12 3.35
H MSE A 129 2.13 -15.94 0.32
HA MSE A 129 1.85 -16.37 2.91
HB2 MSE A 129 2.20 -13.93 1.51
HB3 MSE A 129 2.18 -14.00 3.10
HG2 MSE A 129 4.10 -15.12 3.18
HG3 MSE A 129 4.05 -15.47 1.64
HE1 MSE A 129 5.05 -11.31 3.30
HE2 MSE A 129 3.60 -11.91 3.28
HE3 MSE A 129 4.71 -12.56 4.19
N LEU A 130 -0.73 -15.48 1.39
CA LEU A 130 -2.17 -15.19 1.51
C LEU A 130 -2.94 -16.31 2.21
N ALA A 131 -2.35 -17.51 2.26
CA ALA A 131 -3.08 -18.68 2.69
C ALA A 131 -3.50 -18.58 4.15
N VAL A 132 -2.77 -17.81 4.95
CA VAL A 132 -3.09 -17.70 6.37
C VAL A 132 -4.28 -16.76 6.66
N LEU A 133 -4.73 -16.00 5.68
CA LEU A 133 -5.64 -14.92 6.02
C LEU A 133 -7.01 -15.38 6.53
N PRO A 134 -7.56 -16.49 6.01
CA PRO A 134 -8.88 -16.85 6.56
C PRO A 134 -8.85 -17.14 8.07
N GLN A 135 -7.83 -17.83 8.54
N GLN A 135 -7.81 -17.83 8.52
CA GLN A 135 -7.77 -18.11 9.97
CA GLN A 135 -7.68 -18.16 9.92
C GLN A 135 -7.29 -16.89 10.75
C GLN A 135 -7.27 -16.95 10.74
N GLU A 136 -6.24 -16.24 10.26
CA GLU A 136 -5.60 -15.18 11.06
C GLU A 136 -6.33 -13.86 11.02
N ALA A 137 -7.13 -13.62 9.97
CA ALA A 137 -7.81 -12.34 9.82
C ALA A 137 -9.27 -12.44 9.41
N GLY A 138 -9.78 -13.66 9.22
CA GLY A 138 -11.16 -13.83 8.80
C GLY A 138 -11.49 -13.34 7.41
N VAL A 139 -10.50 -13.33 6.54
CA VAL A 139 -10.68 -12.84 5.20
C VAL A 139 -9.96 -13.76 4.20
N VAL A 140 -10.51 -13.81 2.99
CA VAL A 140 -9.88 -14.43 1.84
C VAL A 140 -9.22 -13.33 1.03
N GLY A 141 -7.92 -13.48 0.83
CA GLY A 141 -7.15 -12.56 0.02
C GLY A 141 -6.98 -13.16 -1.35
N VAL A 142 -7.45 -12.44 -2.37
CA VAL A 142 -7.52 -13.03 -3.71
C VAL A 142 -6.25 -12.84 -4.50
N GLY A 143 -5.41 -11.92 -4.06
CA GLY A 143 -4.26 -11.52 -4.82
C GLY A 143 -3.79 -10.15 -4.37
N PHE A 144 -2.59 -9.77 -4.78
CA PHE A 144 -2.03 -8.48 -4.44
C PHE A 144 -2.07 -7.49 -5.59
N GLY A 145 -2.35 -6.25 -5.24
CA GLY A 145 -2.10 -5.09 -6.07
C GLY A 145 -1.09 -4.21 -5.36
N SER A 146 -1.00 -2.96 -5.74
CA SER A 146 -0.09 -2.06 -5.05
C SER A 146 -0.54 -0.64 -5.23
N ALA A 147 0.01 0.25 -4.43
CA ALA A 147 0.08 1.65 -4.81
C ALA A 147 1.54 1.98 -5.13
N GLY A 148 1.92 3.24 -5.07
CA GLY A 148 3.25 3.58 -5.48
C GLY A 148 4.26 3.32 -4.40
N MSE A 149 5.52 3.44 -4.77
CA MSE A 149 6.60 3.38 -3.79
C MSE A 149 6.52 4.57 -2.82
O MSE A 149 6.04 5.64 -3.15
CB MSE A 149 7.94 3.38 -4.49
CG MSE A 149 8.08 2.39 -5.64
SE MSE A 149 7.96 0.54 -5.15
CE MSE A 149 9.65 0.44 -4.17
H MSE A 149 5.79 3.56 -5.58
HA MSE A 149 6.52 2.55 -3.28
HB2 MSE A 149 8.11 4.26 -4.83
HB3 MSE A 149 8.63 3.15 -3.84
HG2 MSE A 149 7.37 2.58 -6.29
HG3 MSE A 149 8.95 2.53 -6.07
HE1 MSE A 149 9.75 -0.46 -3.83
HE2 MSE A 149 10.36 0.66 -4.76
HE3 MSE A 149 9.62 1.06 -3.44
N ARG A 150 7.04 4.37 -1.63
CA ARG A 150 7.03 5.44 -0.64
C ARG A 150 8.12 6.46 -0.90
N GLN A 151 7.76 7.73 -0.67
CA GLN A 151 8.66 8.84 -0.85
C GLN A 151 8.57 9.73 0.39
N ILE A 152 9.39 10.77 0.45
CA ILE A 152 9.37 11.72 1.57
C ILE A 152 9.20 13.15 1.08
N LEU A 153 8.31 13.91 1.70
CA LEU A 153 8.14 15.32 1.40
C LEU A 153 8.40 16.05 2.70
N SER A 154 9.12 17.17 2.67
CA SER A 154 9.45 17.87 3.90
C SER A 154 9.29 19.37 3.72
N ARG A 155 8.91 20.05 4.80
CA ARG A 155 8.76 21.51 4.79
C ARG A 155 10.07 22.27 4.77
N GLY A 156 11.16 21.61 5.14
CA GLY A 156 12.44 22.31 5.18
C GLY A 156 13.43 21.65 4.25
N ALA A 157 14.69 22.05 4.29
CA ALA A 157 15.70 21.41 3.46
C ALA A 157 16.05 20.02 4.00
N VAL A 158 16.33 19.10 3.10
CA VAL A 158 16.82 17.78 3.53
C VAL A 158 18.02 17.43 2.68
N ASN A 159 19.20 17.49 3.30
CA ASN A 159 20.43 17.21 2.60
C ASN A 159 21.06 15.90 3.02
N SER A 160 20.61 15.36 4.16
CA SER A 160 21.09 14.08 4.62
C SER A 160 20.06 13.52 5.57
N ALA A 161 20.21 12.26 5.94
CA ALA A 161 19.25 11.65 6.84
C ALA A 161 19.22 12.33 8.21
N ALA A 162 20.33 12.95 8.61
CA ALA A 162 20.38 13.68 9.88
C ALA A 162 19.32 14.79 9.92
N ASP A 163 18.96 15.33 8.75
CA ASP A 163 17.96 16.39 8.70
C ASP A 163 16.54 15.88 9.03
N LEU A 164 16.36 14.56 9.04
CA LEU A 164 15.07 13.98 9.43
C LEU A 164 14.93 13.85 10.94
N SER A 165 16.03 14.00 11.67
CA SER A 165 16.02 13.81 13.12
C SER A 165 15.06 14.79 13.78
N GLY A 166 14.15 14.24 14.56
CA GLY A 166 13.19 15.02 15.32
C GLY A 166 12.04 15.63 14.50
N LEU A 167 12.00 15.36 13.20
CA LEU A 167 10.92 15.89 12.36
C LEU A 167 9.63 15.14 12.63
N LYS A 168 8.56 15.89 12.95
CA LYS A 168 7.24 15.29 13.04
C LYS A 168 6.88 14.90 11.61
N LEU A 169 6.74 13.60 11.40
CA LEU A 169 6.65 13.06 10.04
C LEU A 169 5.45 12.13 9.93
N ARG A 170 4.51 12.49 9.07
CA ARG A 170 3.28 11.71 8.94
C ARG A 170 3.54 10.36 8.39
N ILE A 171 2.94 9.33 9.00
CA ILE A 171 3.00 7.98 8.46
C ILE A 171 1.61 7.35 8.39
N THR A 172 1.49 6.35 7.53
CA THR A 172 0.41 5.39 7.59
C THR A 172 0.48 4.68 8.93
N PRO A 173 -0.67 4.39 9.56
CA PRO A 173 -0.64 3.73 10.88
C PRO A 173 -0.35 2.24 10.81
N PHE A 174 0.93 1.89 10.68
CA PHE A 174 1.38 0.51 10.76
C PHE A 174 2.81 0.48 11.21
N ASP A 175 3.22 -0.66 11.75
CA ASP A 175 4.49 -0.74 12.45
C ASP A 175 5.72 -0.73 11.55
N PRO A 176 5.69 -1.41 10.39
CA PRO A 176 6.93 -1.37 9.58
C PRO A 176 7.46 0.03 9.29
N ILE A 177 6.60 0.98 8.97
CA ILE A 177 7.09 2.31 8.63
C ILE A 177 7.44 3.11 9.88
N LEU A 178 6.71 2.85 10.96
CA LEU A 178 7.03 3.45 12.26
C LEU A 178 8.45 3.07 12.64
N ASP A 179 8.76 1.80 12.48
CA ASP A 179 10.08 1.31 12.85
C ASP A 179 11.21 1.92 12.02
N PHE A 180 10.98 2.09 10.71
CA PHE A 180 11.96 2.69 9.81
C PHE A 180 12.26 4.11 10.28
N TYR A 181 11.22 4.88 10.53
CA TYR A 181 11.41 6.26 10.93
C TYR A 181 11.94 6.41 12.33
N ASN A 182 11.61 5.49 13.22
CA ASN A 182 12.19 5.52 14.57
C ASN A 182 13.68 5.21 14.53
N ALA A 183 14.08 4.32 13.62
CA ALA A 183 15.50 4.00 13.42
C ALA A 183 16.27 5.19 12.90
N LEU A 184 15.58 5.99 12.09
CA LEU A 184 16.14 7.21 11.54
C LEU A 184 16.14 8.36 12.51
N GLY A 185 15.42 8.21 13.60
CA GLY A 185 15.32 9.24 14.61
C GLY A 185 14.35 10.36 14.29
N ALA A 186 13.48 10.16 13.30
CA ALA A 186 12.40 11.11 13.06
C ALA A 186 11.38 10.98 14.18
N ALA A 187 10.31 11.77 14.12
CA ALA A 187 9.20 11.66 15.08
C ALA A 187 7.94 11.31 14.33
N PRO A 188 7.84 10.04 13.92
CA PRO A 188 6.69 9.60 13.12
C PRO A 188 5.39 9.75 13.85
N THR A 189 4.38 10.18 13.10
CA THR A 189 3.08 10.52 13.62
C THR A 189 2.02 9.90 12.71
N PRO A 190 1.24 8.92 13.20
CA PRO A 190 0.25 8.30 12.32
C PRO A 190 -0.88 9.23 12.06
N MSE A 191 -1.35 9.23 10.82
CA MSE A 191 -2.39 10.15 10.38
C MSE A 191 -3.05 9.62 9.13
O MSE A 191 -2.36 9.27 8.19
CB MSE A 191 -1.74 11.49 10.10
CG MSE A 191 -2.64 12.57 9.67
SE MSE A 191 -1.63 14.24 9.64
CE MSE A 191 -0.53 13.94 11.09
H MSE A 191 -1.07 8.71 10.20
HA MSE A 191 -3.06 10.25 11.10
HB2 MSE A 191 -1.30 11.78 10.92
HB3 MSE A 191 -1.08 11.36 9.40
HG2 MSE A 191 -2.98 12.39 8.78
HG3 MSE A 191 -3.37 12.66 10.31
HE1 MSE A 191 0.05 14.71 11.20
HE2 MSE A 191 -1.07 13.83 11.87
HE3 MSE A 191 0.00 13.15 10.93
N PRO A 192 -4.39 9.61 9.09
CA PRO A 192 -4.99 9.14 7.84
C PRO A 192 -4.94 10.19 6.74
N LEU A 193 -5.17 9.76 5.51
CA LEU A 193 -5.04 10.64 4.35
C LEU A 193 -5.75 12.00 4.42
N PRO A 194 -7.02 12.05 4.85
CA PRO A 194 -7.74 13.34 4.75
C PRO A 194 -7.13 14.48 5.56
N ALA A 195 -6.36 14.15 6.59
CA ALA A 195 -5.80 15.18 7.48
C ALA A 195 -4.43 15.70 7.04
N VAL A 196 -3.81 15.04 6.08
CA VAL A 196 -2.40 15.29 5.80
C VAL A 196 -2.12 16.68 5.21
N TYR A 197 -2.89 17.08 4.20
CA TYR A 197 -2.68 18.39 3.57
C TYR A 197 -2.73 19.50 4.63
N ASP A 198 -3.75 19.48 5.47
CA ASP A 198 -3.94 20.52 6.45
C ASP A 198 -2.82 20.51 7.51
N ALA A 199 -2.37 19.31 7.86
CA ALA A 199 -1.34 19.16 8.88
C ALA A 199 -0.05 19.78 8.40
N LEU A 200 0.26 19.62 7.12
CA LEU A 200 1.43 20.29 6.55
C LEU A 200 1.23 21.79 6.53
N ALA A 201 0.06 22.22 6.06
CA ALA A 201 -0.21 23.66 5.92
C ALA A 201 -0.16 24.36 7.26
N ASN A 202 -0.53 23.67 8.33
CA ASN A 202 -0.66 24.31 9.64
C ASN A 202 0.44 23.93 10.63
N GLY A 203 1.42 23.16 10.18
CA GLY A 203 2.57 22.84 11.03
C GLY A 203 2.39 21.72 12.03
N GLN A 204 1.31 20.96 11.95
CA GLN A 204 1.12 19.81 12.82
C GLN A 204 2.13 18.72 12.47
N VAL A 205 2.60 18.73 11.21
CA VAL A 205 3.72 17.88 10.81
C VAL A 205 4.68 18.71 10.01
N ASP A 206 5.95 18.30 10.01
CA ASP A 206 7.03 18.93 9.27
C ASP A 206 7.31 18.20 7.96
N ALA A 207 6.89 16.94 7.88
CA ALA A 207 7.21 16.12 6.71
C ALA A 207 6.20 14.99 6.64
N ILE A 208 6.13 14.34 5.48
CA ILE A 208 5.24 13.21 5.29
C ILE A 208 5.88 12.10 4.50
N ASP A 209 5.45 10.89 4.80
CA ASP A 209 5.73 9.71 4.02
C ASP A 209 4.49 9.49 3.15
N MSE A 210 4.67 9.45 1.83
N MSE A 210 4.69 9.43 1.83
CA MSE A 210 3.55 9.36 0.89
CA MSE A 210 3.59 9.39 0.87
C MSE A 210 4.07 9.07 -0.52
C MSE A 210 4.11 8.85 -0.46
O MSE A 210 5.24 9.35 -0.84
O MSE A 210 5.32 8.76 -0.68
CB MSE A 210 2.74 10.66 0.89
CB MSE A 210 3.04 10.80 0.66
CG MSE A 210 1.60 10.73 -0.12
CG MSE A 210 1.75 10.85 -0.10
SE MSE A 210 0.47 12.31 0.21
SE MSE A 210 0.26 10.17 0.93
CE MSE A 210 -0.40 11.60 1.76
CE MSE A 210 -0.13 11.74 1.96
H MSE A 210 5.44 9.48 1.44
H MSE A 210 5.47 9.40 1.47
HA MSE A 210 2.96 8.63 1.17
HA MSE A 210 2.87 8.81 1.20
HB2 MSE A 210 2.35 10.78 1.77
HB2 MSE A 210 2.90 11.21 1.52
HB3 MSE A 210 3.34 11.40 0.71
HB3 MSE A 210 3.71 11.31 0.16
HG2 MSE A 210 1.97 10.81 -1.01
HG2 MSE A 210 1.55 11.78 -0.33
HG3 MSE A 210 1.06 9.94 -0.04
HG3 MSE A 210 1.83 10.33 -0.91
HE1 MSE A 210 -1.04 12.25 2.09
HE1 MSE A 210 -0.87 11.56 2.54
HE2 MSE A 210 -0.86 10.80 1.53
HE2 MSE A 210 0.64 11.98 2.48
HE3 MSE A 210 0.26 11.43 2.44
HE3 MSE A 210 -0.36 12.47 1.37
N ASP A 211 3.21 8.52 -1.36
CA ASP A 211 3.61 8.16 -2.73
C ASP A 211 3.29 9.27 -3.71
N VAL A 212 3.81 9.17 -4.93
CA VAL A 212 3.70 10.30 -5.86
C VAL A 212 2.27 10.50 -6.36
N GLU A 213 1.48 9.45 -6.45
CA GLU A 213 0.10 9.62 -6.89
C GLU A 213 -0.64 10.55 -5.93
N LEU A 214 -0.52 10.27 -4.63
CA LEU A 214 -1.24 11.07 -3.66
C LEU A 214 -0.59 12.43 -3.38
N ILE A 215 0.72 12.54 -3.53
CA ILE A 215 1.32 13.86 -3.44
C ILE A 215 0.74 14.75 -4.54
N ASN A 216 0.52 14.20 -5.73
CA ASN A 216 -0.16 14.92 -6.80
C ASN A 216 -1.64 15.17 -6.48
N VAL A 217 -2.37 14.11 -6.15
CA VAL A 217 -3.82 14.20 -5.97
C VAL A 217 -4.22 15.06 -4.79
N LEU A 218 -3.53 14.90 -3.67
CA LEU A 218 -3.84 15.65 -2.45
C LEU A 218 -3.14 16.98 -2.38
N LYS A 219 -2.27 17.24 -3.37
CA LYS A 219 -1.55 18.52 -3.50
C LYS A 219 -0.64 18.85 -2.31
N CYS A 220 -0.09 17.81 -1.70
CA CYS A 220 0.69 18.01 -0.49
C CYS A 220 2.00 18.73 -0.76
N HIS A 221 2.41 18.81 -2.01
CA HIS A 221 3.62 19.56 -2.37
C HIS A 221 3.46 21.07 -2.13
N GLU A 222 2.23 21.54 -1.99
CA GLU A 222 2.02 22.98 -1.93
C GLU A 222 2.73 23.68 -0.76
N HIS A 223 2.83 23.00 0.37
CA HIS A 223 3.50 23.56 1.55
C HIS A 223 4.79 22.83 1.89
N ALA A 224 5.29 22.06 0.94
CA ALA A 224 6.58 21.40 1.08
C ALA A 224 7.65 22.30 0.50
N ASP A 225 8.89 22.09 0.95
CA ASP A 225 10.07 22.73 0.41
C ASP A 225 10.83 21.71 -0.46
N THR A 226 10.89 20.46 0.02
CA THR A 226 11.71 19.44 -0.61
C THR A 226 10.94 18.17 -0.85
N ILE A 227 11.10 17.62 -2.05
CA ILE A 227 10.51 16.35 -2.44
C ILE A 227 11.67 15.38 -2.61
N LEU A 228 11.63 14.31 -1.84
N LEU A 228 11.69 14.36 -1.76
CA LEU A 228 12.71 13.34 -1.82
CA LEU A 228 12.73 13.34 -1.85
C LEU A 228 12.24 12.01 -2.41
C LEU A 228 12.15 12.08 -2.47
N ILE A 229 12.66 11.73 -3.64
CA ILE A 229 12.22 10.53 -4.34
C ILE A 229 13.18 9.42 -3.92
N SER A 230 12.79 8.73 -2.86
CA SER A 230 13.62 7.72 -2.22
C SER A 230 13.23 6.30 -2.61
N ASN A 231 11.98 6.10 -2.99
CA ASN A 231 11.49 4.77 -3.29
C ASN A 231 11.90 3.73 -2.24
N HIS A 232 11.74 4.09 -0.98
CA HIS A 232 12.35 3.30 0.08
C HIS A 232 11.59 2.05 0.52
N MSE A 233 10.32 1.94 0.13
CA MSE A 233 9.46 0.85 0.58
C MSE A 233 8.37 0.66 -0.46
O MSE A 233 7.92 1.62 -1.07
CB MSE A 233 8.85 1.23 1.92
CG MSE A 233 8.27 0.12 2.72
SE MSE A 233 7.84 0.83 4.50
CE MSE A 233 9.51 0.77 5.37
H MSE A 233 9.92 2.50 -0.38
HA MSE A 233 9.98 0.03 0.67
HB2 MSE A 233 9.54 1.65 2.46
HB3 MSE A 233 8.12 1.86 1.76
HG2 MSE A 233 7.46 -0.21 2.31
HG3 MSE A 233 8.93 -0.59 2.83
HE1 MSE A 233 9.40 1.11 6.27
HE2 MSE A 233 9.81 -0.14 5.40
HE3 MSE A 233 10.14 1.32 4.89
N MSE A 234 7.93 -0.57 -0.64
CA MSE A 234 6.75 -0.77 -1.50
C MSE A 234 5.52 -0.64 -0.63
O MSE A 234 5.60 -0.47 0.58
CB MSE A 234 6.82 -2.12 -2.24
CG MSE A 234 6.66 -3.31 -1.39
SE MSE A 234 6.64 -4.94 -2.56
CE MSE A 234 8.43 -5.04 -2.64
H MSE A 234 8.27 -1.28 -0.31
HA MSE A 234 6.75 -0.07 -2.18
HB2 MSE A 234 6.11 -2.13 -2.90
HB3 MSE A 234 7.67 -2.18 -2.69
HG2 MSE A 234 7.41 -3.38 -0.78
HG3 MSE A 234 5.83 -3.27 -0.90
HE1 MSE A 234 8.67 -5.79 -3.19
HE2 MSE A 234 8.77 -4.22 -3.03
HE3 MSE A 234 8.76 -5.15 -1.75
N PHE A 235 4.34 -0.68 -1.26
CA PHE A 235 3.11 -0.45 -0.54
C PHE A 235 2.01 -1.31 -1.18
N PRO A 236 1.99 -2.59 -0.83
CA PRO A 236 1.02 -3.47 -1.47
C PRO A 236 -0.41 -3.28 -1.01
N MSE A 237 -1.31 -3.77 -1.86
CA MSE A 237 -2.74 -3.76 -1.62
C MSE A 237 -3.22 -5.18 -1.74
O MSE A 237 -2.60 -6.02 -2.43
CB MSE A 237 -3.42 -2.90 -2.69
CG MSE A 237 -4.91 -2.72 -2.50
SE MSE A 237 -5.98 -3.93 -3.59
CE MSE A 237 -5.89 -2.84 -5.21
H MSE A 237 -1.10 -4.14 -2.61
HA MSE A 237 -2.94 -3.40 -0.73
HB2 MSE A 237 -3.02 -2.03 -2.70
HB3 MSE A 237 -3.28 -3.33 -3.55
HG2 MSE A 237 -5.14 -2.88 -1.57
HG3 MSE A 237 -5.16 -1.81 -2.74
HE1 MSE A 237 -6.38 -3.28 -5.91
HE2 MSE A 237 -6.28 -1.98 -5.02
HE3 MSE A 237 -4.98 -2.73 -5.46
N VAL A 238 -4.31 -5.50 -1.05
CA VAL A 238 -4.88 -6.83 -1.17
C VAL A 238 -6.38 -6.73 -1.33
N GLY A 239 -6.92 -7.52 -2.28
CA GLY A 239 -8.36 -7.62 -2.39
C GLY A 239 -8.87 -8.66 -1.43
N LEU A 240 -9.80 -8.24 -0.58
CA LEU A 240 -10.31 -9.09 0.49
C LEU A 240 -11.80 -9.34 0.35
N ILE A 241 -12.17 -10.60 0.63
CA ILE A 241 -13.56 -10.99 0.81
C ILE A 241 -13.70 -11.53 2.22
N SER A 242 -14.69 -11.06 2.97
CA SER A 242 -14.98 -11.61 4.27
C SER A 242 -15.07 -13.14 4.17
N ALA A 243 -14.38 -13.87 5.03
CA ALA A 243 -14.45 -15.32 4.95
C ALA A 243 -15.85 -15.83 5.24
N ARG A 244 -16.55 -15.17 6.15
CA ARG A 244 -17.94 -15.52 6.51
C ARG A 244 -18.82 -15.38 5.28
N VAL A 245 -18.64 -14.31 4.52
CA VAL A 245 -19.42 -14.09 3.30
C VAL A 245 -19.05 -15.06 2.18
N TYR A 246 -17.76 -15.27 1.99
CA TYR A 246 -17.23 -16.21 1.00
C TYR A 246 -17.82 -17.59 1.24
N ALA A 247 -17.88 -18.00 2.50
CA ALA A 247 -18.41 -19.33 2.85
C ALA A 247 -19.88 -19.50 2.49
N GLY A 248 -20.61 -18.40 2.39
CA GLY A 248 -22.02 -18.45 2.02
C GLY A 248 -22.28 -18.43 0.54
N MSE A 249 -21.23 -18.26 -0.26
CA MSE A 249 -21.37 -18.20 -1.72
C MSE A 249 -21.45 -19.59 -2.30
O MSE A 249 -20.89 -20.55 -1.74
CB MSE A 249 -20.15 -17.53 -2.34
CG MSE A 249 -19.98 -16.06 -2.06
SE MSE A 249 -18.32 -15.40 -2.86
CE MSE A 249 -18.45 -13.55 -2.29
H MSE A 249 -20.43 -18.18 0.03
HA MSE A 249 -22.16 -17.70 -1.96
HB2 MSE A 249 -19.35 -17.99 -2.02
HB3 MSE A 249 -20.21 -17.64 -3.31
HG2 MSE A 249 -20.73 -15.58 -2.44
HG3 MSE A 249 -19.93 -15.92 -1.10
HE1 MSE A 249 -17.68 -13.07 -2.61
HE2 MSE A 249 -19.26 -13.16 -2.65
HE3 MSE A 249 -18.48 -13.52 -1.33
N SER A 250 -22.12 -19.72 -3.44
CA SER A 250 -22.13 -21.00 -4.16
C SER A 250 -20.72 -21.27 -4.61
N ASP A 251 -20.43 -22.53 -4.93
CA ASP A 251 -19.09 -22.89 -5.35
C ASP A 251 -18.70 -22.16 -6.64
N ALA A 252 -19.66 -22.01 -7.53
CA ALA A 252 -19.42 -21.33 -8.80
C ALA A 252 -19.08 -19.87 -8.57
N ASP A 253 -19.78 -19.27 -7.61
CA ASP A 253 -19.56 -17.88 -7.33
C ASP A 253 -18.26 -17.65 -6.57
N LYS A 254 -17.88 -18.57 -5.69
CA LYS A 254 -16.59 -18.44 -5.01
C LYS A 254 -15.50 -18.31 -6.06
N ALA A 255 -15.57 -19.16 -7.07
CA ALA A 255 -14.55 -19.17 -8.10
C ALA A 255 -14.62 -17.92 -8.98
N MSE A 256 -15.82 -17.60 -9.45
CA MSE A 256 -15.97 -16.52 -10.39
C MSE A 256 -15.64 -15.19 -9.73
O MSE A 256 -14.92 -14.36 -10.30
CB MSE A 256 -17.37 -16.51 -10.96
CG MSE A 256 -17.51 -15.50 -12.01
SE MSE A 256 -18.08 -13.80 -11.32
CE MSE A 256 -19.94 -14.27 -11.67
H MSE A 256 -16.55 -18.00 -9.23
HA MSE A 256 -15.35 -16.67 -11.12
HB2 MSE A 256 -17.57 -17.38 -11.36
HB3 MSE A 256 -18.01 -16.32 -10.26
HG2 MSE A 256 -16.66 -15.38 -12.45
HG3 MSE A 256 -18.18 -15.80 -12.65
HE1 MSE A 256 -20.50 -13.54 -11.39
HE2 MSE A 256 -20.05 -14.44 -12.61
HE3 MSE A 256 -20.16 -15.06 -11.16
N ILE A 257 -16.10 -14.99 -8.51
CA ILE A 257 -15.96 -13.70 -7.87
C ILE A 257 -14.52 -13.50 -7.43
N SER A 258 -13.92 -14.55 -6.88
CA SER A 258 -12.53 -14.41 -6.47
C SER A 258 -11.60 -14.20 -7.69
N GLU A 259 -11.82 -14.92 -8.79
CA GLU A 259 -10.98 -14.76 -9.98
C GLU A 259 -11.15 -13.36 -10.57
N LEU A 260 -12.39 -12.85 -10.57
CA LEU A 260 -12.63 -11.55 -11.16
C LEU A 260 -12.00 -10.46 -10.31
N MSE A 261 -12.12 -10.58 -8.99
CA MSE A 261 -11.53 -9.62 -8.09
C MSE A 261 -10.00 -9.64 -8.25
O MSE A 261 -9.33 -8.60 -8.26
CB MSE A 261 -11.91 -9.88 -6.64
CG MSE A 261 -11.47 -8.76 -5.75
SE MSE A 261 -11.80 -9.13 -3.85
CE MSE A 261 -13.59 -8.43 -3.79
H MSE A 261 -12.54 -11.23 -8.60
HA MSE A 261 -11.85 -8.72 -8.32
HB2 MSE A 261 -12.87 -9.95 -6.57
HB3 MSE A 261 -11.49 -10.69 -6.34
HG2 MSE A 261 -10.51 -8.62 -5.87
HG3 MSE A 261 -11.94 -7.95 -5.98
HE1 MSE A 261 -13.93 -8.53 -2.90
HE2 MSE A 261 -13.57 -7.50 -4.03
HE3 MSE A 261 -14.13 -8.92 -4.41
N ALA A 262 -9.45 -10.85 -8.35
CA ALA A 262 -8.00 -10.97 -8.50
C ALA A 262 -7.53 -10.25 -9.75
N LYS A 263 -8.31 -10.33 -10.83
CA LYS A 263 -7.93 -9.69 -12.08
C LYS A 263 -7.88 -8.18 -11.89
N HIS A 264 -8.87 -7.64 -11.20
CA HIS A 264 -8.90 -6.20 -11.03
C HIS A 264 -7.85 -5.70 -10.04
N VAL A 265 -7.57 -6.49 -9.02
CA VAL A 265 -6.50 -6.15 -8.08
C VAL A 265 -5.14 -6.15 -8.81
N ASP A 266 -4.93 -7.16 -9.63
CA ASP A 266 -3.69 -7.29 -10.36
C ASP A 266 -3.53 -6.15 -11.36
N SER A 267 -4.64 -5.67 -11.93
CA SER A 267 -4.59 -4.58 -12.88
C SER A 267 -3.93 -3.34 -12.34
N THR A 268 -3.98 -3.14 -11.02
CA THR A 268 -3.42 -1.93 -10.44
C THR A 268 -1.92 -1.93 -10.61
N LEU A 269 -1.30 -3.10 -10.60
CA LEU A 269 0.14 -3.19 -10.77
C LEU A 269 0.58 -2.60 -12.10
N ASP A 270 -0.16 -2.88 -13.17
CA ASP A 270 0.17 -2.30 -14.47
C ASP A 270 -0.07 -0.80 -14.54
N VAL A 271 -1.06 -0.31 -13.82
CA VAL A 271 -1.25 1.15 -13.75
C VAL A 271 -0.02 1.81 -13.12
N TYR A 272 0.45 1.30 -11.98
CA TYR A 272 1.60 1.93 -11.34
C TYR A 272 2.87 1.74 -12.15
N MSE A 273 3.01 0.60 -12.83
CA MSE A 273 4.19 0.42 -13.68
C MSE A 273 4.26 1.52 -14.75
O MSE A 273 5.34 2.02 -15.10
CB MSE A 273 4.19 -0.99 -14.31
CG MSE A 273 4.48 -2.08 -13.29
SE MSE A 273 3.85 -3.85 -13.89
CE MSE A 273 4.48 -3.63 -15.67
H MSE A 273 2.46 -0.06 -12.82
HA MSE A 273 4.99 0.49 -13.12
HB2 MSE A 273 3.33 -1.16 -14.71
HB3 MSE A 273 4.88 -1.02 -14.99
HG2 MSE A 273 5.44 -2.14 -13.14
HG3 MSE A 273 4.03 -1.87 -12.46
HE1 MSE A 273 4.27 -4.42 -16.16
HE2 MSE A 273 4.06 -2.87 -16.05
HE3 MSE A 273 5.43 -3.50 -15.64
N VAL A 274 3.12 1.93 -15.27
CA VAL A 274 3.08 2.95 -16.31
C VAL A 274 3.17 4.35 -15.70
N LYS A 275 2.38 4.61 -14.65
CA LYS A 275 2.18 5.97 -14.19
C LYS A 275 3.18 6.48 -13.15
N GLU A 276 3.82 5.60 -12.40
CA GLU A 276 4.76 6.02 -11.39
C GLU A 276 5.77 7.06 -11.92
N PRO A 277 6.45 6.78 -13.05
CA PRO A 277 7.41 7.81 -13.49
C PRO A 277 6.74 9.07 -14.04
N GLU A 278 5.50 8.94 -14.51
CA GLU A 278 4.74 10.09 -14.99
C GLU A 278 4.34 11.02 -13.83
N TRP A 279 3.79 10.46 -12.76
CA TRP A 279 3.51 11.23 -11.55
C TRP A 279 4.78 11.83 -10.94
N THR A 280 5.89 11.08 -11.01
CA THR A 280 7.13 11.58 -10.46
C THR A 280 7.61 12.78 -11.27
N ASP A 281 7.58 12.67 -12.58
CA ASP A 281 8.01 13.79 -13.40
C ASP A 281 7.11 15.01 -13.19
N ALA A 282 5.83 14.80 -12.92
CA ALA A 282 4.94 15.95 -12.68
C ALA A 282 5.42 16.74 -11.47
N LEU A 283 6.03 16.05 -10.51
CA LEU A 283 6.50 16.70 -9.29
C LEU A 283 7.79 17.50 -9.49
N THR A 284 8.36 17.47 -10.70
CA THR A 284 9.48 18.34 -11.03
C THR A 284 8.96 19.67 -11.54
N LYS A 285 7.64 19.80 -11.62
CA LYS A 285 7.01 20.98 -12.21
C LYS A 285 6.14 21.75 -11.21
N VAL A 286 6.45 21.62 -9.93
CA VAL A 286 5.67 22.30 -8.89
C VAL A 286 6.53 23.28 -8.11
N GLY A 287 7.73 23.57 -8.62
CA GLY A 287 8.51 24.69 -8.10
C GLY A 287 9.26 24.36 -6.83
N LYS A 288 9.46 23.08 -6.52
CA LYS A 288 10.11 22.72 -5.28
C LYS A 288 11.47 22.07 -5.49
N THR A 289 12.22 21.94 -4.41
CA THR A 289 13.51 21.26 -4.48
C THR A 289 13.23 19.77 -4.61
N PHE A 290 13.72 19.19 -5.68
CA PHE A 290 13.43 17.81 -6.04
C PHE A 290 14.74 17.06 -6.11
N LYS A 291 14.85 15.97 -5.33
CA LYS A 291 16.07 15.18 -5.24
C LYS A 291 15.74 13.70 -5.24
N ARG A 292 16.56 12.93 -5.95
CA ARG A 292 16.50 11.46 -5.85
C ARG A 292 17.58 10.99 -4.92
N VAL A 293 17.25 10.06 -4.05
CA VAL A 293 18.22 9.46 -3.16
C VAL A 293 18.09 7.96 -3.19
N ASP A 294 19.12 7.28 -2.75
CA ASP A 294 19.14 5.84 -2.76
C ASP A 294 19.36 5.31 -1.37
N GLN A 295 19.49 3.99 -1.27
CA GLN A 295 19.55 3.30 -0.01
C GLN A 295 20.61 3.86 0.93
N SER A 296 21.74 4.30 0.37
CA SER A 296 22.84 4.78 1.20
C SER A 296 22.46 6.01 2.02
N PHE A 297 21.48 6.75 1.53
CA PHE A 297 21.01 7.94 2.22
C PHE A 297 20.56 7.60 3.64
N PHE A 298 19.99 6.42 3.85
CA PHE A 298 19.39 6.09 5.12
C PHE A 298 20.32 5.43 6.15
N GLY A 299 21.59 5.27 5.80
CA GLY A 299 22.56 4.82 6.80
C GLY A 299 22.16 3.52 7.45
N ASP A 300 22.27 3.46 8.77
CA ASP A 300 22.06 2.24 9.52
C ASP A 300 20.59 1.94 9.81
N ALA A 301 19.67 2.73 9.27
CA ALA A 301 18.25 2.48 9.59
C ALA A 301 17.75 1.19 8.96
N ILE A 302 18.26 0.87 7.78
CA ILE A 302 17.88 -0.36 7.11
C ILE A 302 18.31 -1.60 7.89
N ALA A 303 19.54 -1.60 8.39
CA ALA A 303 20.02 -2.70 9.19
C ALA A 303 19.21 -2.84 10.49
N GLN A 304 18.89 -1.72 11.10
CA GLN A 304 18.12 -1.75 12.34
C GLN A 304 16.75 -2.34 12.10
N TRP A 305 16.16 -2.00 10.95
CA TRP A 305 14.83 -2.50 10.60
C TRP A 305 14.87 -4.03 10.50
N GLU A 306 15.90 -4.55 9.84
CA GLU A 306 16.05 -6.00 9.71
C GLU A 306 16.10 -6.69 11.07
N THR A 307 16.84 -6.12 12.01
CA THR A 307 16.94 -6.68 13.34
C THR A 307 15.59 -6.69 14.03
N ILE A 308 14.82 -5.63 13.87
CA ILE A 308 13.48 -5.59 14.46
C ILE A 308 12.57 -6.67 13.87
N TRP A 309 12.65 -6.87 12.56
CA TRP A 309 11.65 -7.67 11.87
C TRP A 309 12.02 -9.16 11.71
N ALA A 310 13.26 -9.51 12.04
CA ALA A 310 13.75 -10.89 11.81
C ALA A 310 12.84 -11.91 12.48
N ASP A 311 12.39 -11.64 13.70
CA ASP A 311 11.56 -12.63 14.38
C ASP A 311 10.07 -12.24 14.39
N LYS A 312 9.70 -11.22 13.62
CA LYS A 312 8.28 -10.87 13.50
C LYS A 312 7.69 -11.36 12.19
N ALA A 313 8.52 -11.43 11.14
CA ALA A 313 8.05 -11.81 9.81
C ALA A 313 8.92 -12.92 9.23
N PRO A 314 8.61 -14.17 9.57
CA PRO A 314 9.40 -15.35 9.21
C PRO A 314 9.54 -15.52 7.69
N SER A 315 8.65 -14.93 6.91
CA SER A 315 8.75 -15.04 5.45
C SER A 315 9.85 -14.17 4.85
N LEU A 316 10.47 -13.30 5.65
CA LEU A 316 11.37 -12.33 5.06
C LEU A 316 12.54 -12.94 4.27
N PRO A 317 13.21 -13.97 4.84
CA PRO A 317 14.34 -14.49 4.06
C PRO A 317 13.93 -15.05 2.71
N GLU A 318 12.81 -15.75 2.65
CA GLU A 318 12.35 -16.29 1.37
C GLU A 318 11.94 -15.19 0.40
N LEU A 319 11.29 -14.14 0.91
CA LEU A 319 10.91 -13.03 0.06
C LEU A 319 12.14 -12.29 -0.46
N ARG A 320 13.17 -12.17 0.38
CA ARG A 320 14.39 -11.52 -0.11
C ARG A 320 15.04 -12.33 -1.24
N LYS A 321 15.02 -13.67 -1.10
CA LYS A 321 15.60 -14.54 -2.12
C LYS A 321 14.83 -14.42 -3.41
N THR A 322 13.50 -14.41 -3.29
CA THR A 322 12.66 -14.23 -4.46
C THR A 322 12.93 -12.91 -5.18
N ALA A 323 13.04 -11.83 -4.40
CA ALA A 323 13.28 -10.53 -4.97
C ALA A 323 14.63 -10.52 -5.68
N ALA A 324 15.63 -11.14 -5.05
CA ALA A 324 16.97 -11.16 -5.62
C ALA A 324 17.01 -11.97 -6.90
N ASP A 325 16.31 -13.10 -6.93
CA ASP A 325 16.29 -13.92 -8.13
C ASP A 325 15.57 -13.23 -9.30
N LEU A 326 14.52 -12.48 -9.01
CA LEU A 326 13.81 -11.79 -10.07
C LEU A 326 14.71 -10.75 -10.71
N GLN A 327 15.52 -10.10 -9.89
CA GLN A 327 16.39 -9.05 -10.37
C GLN A 327 17.54 -9.67 -11.15
N ALA A 328 18.11 -10.74 -10.61
CA ALA A 328 19.25 -11.37 -11.27
C ALA A 328 18.85 -11.90 -12.63
N GLU A 329 17.63 -12.45 -12.73
CA GLU A 329 17.18 -13.06 -13.97
C GLU A 329 16.55 -12.04 -14.93
N ASN A 330 16.54 -10.77 -14.55
CA ASN A 330 15.89 -9.73 -15.35
C ASN A 330 14.45 -10.07 -15.75
N LEU A 331 13.63 -10.44 -14.76
CA LEU A 331 12.28 -10.90 -15.01
C LEU A 331 11.23 -9.82 -14.83
N TYR A 332 11.59 -8.59 -15.20
CA TYR A 332 10.63 -7.49 -15.27
C TYR A 332 11.26 -6.38 -16.09
N PHE A 333 10.44 -5.40 -16.45
CA PHE A 333 10.91 -4.27 -17.24
C PHE A 333 11.86 -3.36 -16.46
N GLN A 334 13.07 -3.20 -16.96
CA GLN A 334 14.11 -2.48 -16.26
C GLN A 334 15.16 -2.06 -17.28
C1 DHB B . -1.91 5.38 1.63
C2 DHB B . -1.43 5.59 0.35
C3 DHB B . -2.07 4.98 -0.70
O3 DHB B . -1.62 5.21 -1.98
C4 DHB B . -3.15 4.18 -0.49
O4 DHB B . -3.73 3.63 -1.61
C5 DHB B . -3.64 3.96 0.79
C6 DHB B . -3.00 4.58 1.86
C DHB B . -1.19 6.05 2.75
O1 DHB B . -0.19 6.76 2.46
O2 DHB B . -1.59 5.88 3.94
H2 DHB B . -0.67 6.16 0.20
HO3 DHB B . -0.84 4.81 -2.10
HO4 DHB B . -3.49 2.77 -1.67
H5 DHB B . -4.41 3.39 0.93
H6 DHB B . -3.32 4.43 2.76
C1 MLI C . 12.86 -7.96 -19.74
C2 MLI C . 11.39 -7.77 -19.52
C3 MLI C . 13.63 -6.66 -19.73
O6 MLI C . 10.84 -6.67 -19.78
O7 MLI C . 10.68 -8.73 -19.10
O8 MLI C . 13.05 -5.57 -19.87
O9 MLI C . 14.87 -6.67 -19.58
H11 MLI C . 12.98 -8.36 -20.61
H12 MLI C . 13.22 -8.56 -19.07
#